data_6XYZ
#
_entry.id   6XYZ
#
_cell.length_a   43.910
_cell.length_b   66.440
_cell.length_c   53.440
_cell.angle_alpha   90.000
_cell.angle_beta   98.307
_cell.angle_gamma   90.000
#
_symmetry.space_group_name_H-M   'P 1 21 1'
#
loop_
_entity.id
_entity.type
_entity.pdbx_description
1 polymer 'Candidate chitinase Glycoside hydrolase family 18'
2 non-polymer 1,2-ETHANEDIOL
3 non-polymer 'FORMIC ACID'
4 water water
#
_entity_poly.entity_id   1
_entity_poly.type   'polypeptide(L)'
_entity_poly.pdbx_seq_one_letter_code
;MTSEKENNPEEVKSKKARVVGYLSADSFDKITSIEFCKLTHLNIAFANPDKNGNLVFDGDIDAVTKYVRSVNSNIVISIS
LAGGVISTEQAANWSLLIDKPENRPAFMQNISKFVTDHNLDGVDVDLEWDAVTSGYSGFVVELRKELTDRKKLLTAALPN
NTRFVNINSEALNAFDFINIMAYDSTGPWSPNKIEQHSSFEFAKEGVEFWKKQNVPSEKLTLGVPFYGYNFTYPEVTSST
FGEIIQAGTQFADQDEIGKIYYNGRPTILKKVEYASQNTGGIMIWELAQDSFGEYSLLEVIHKKYTDLKYKTSGMCGNAH
HHHHH
;
_entity_poly.pdbx_strand_id   A
#
# COMPACT_ATOMS: atom_id res chain seq x y z
N SER A 14 0.02 15.52 -18.47
CA SER A 14 -0.10 16.48 -17.38
C SER A 14 0.66 16.01 -16.15
N LYS A 15 1.15 16.95 -15.36
N LYS A 15 1.18 16.95 -15.37
CA LYS A 15 1.88 16.63 -14.13
CA LYS A 15 1.90 16.62 -14.14
C LYS A 15 0.88 16.12 -13.10
C LYS A 15 0.89 16.12 -13.11
N LYS A 16 0.77 14.80 -12.96
CA LYS A 16 -0.12 14.22 -11.97
C LYS A 16 0.55 13.00 -11.35
N ALA A 17 0.19 12.72 -10.10
CA ALA A 17 0.74 11.56 -9.40
C ALA A 17 -0.31 11.00 -8.45
N ARG A 18 -0.19 9.70 -8.17
CA ARG A 18 -1.00 9.05 -7.14
C ARG A 18 -0.32 9.18 -5.79
N VAL A 19 -1.12 9.27 -4.72
CA VAL A 19 -0.64 9.10 -3.36
C VAL A 19 -1.56 8.05 -2.74
N VAL A 20 -1.04 6.82 -2.61
CA VAL A 20 -1.80 5.65 -2.22
C VAL A 20 -1.48 5.34 -0.76
N GLY A 21 -2.48 5.41 0.11
CA GLY A 21 -2.27 5.21 1.54
C GLY A 21 -2.93 3.93 2.02
N TYR A 22 -2.16 3.10 2.72
CA TYR A 22 -2.73 1.93 3.40
C TYR A 22 -3.19 2.32 4.79
N LEU A 23 -4.38 1.85 5.16
CA LEU A 23 -4.95 2.05 6.49
C LEU A 23 -5.34 0.70 7.06
N SER A 24 -4.69 0.31 8.16
N SER A 24 -4.68 0.30 8.15
CA SER A 24 -4.98 -0.95 8.82
CA SER A 24 -5.00 -0.94 8.84
C SER A 24 -6.25 -0.88 9.65
C SER A 24 -6.34 -0.85 9.55
N ALA A 25 -6.99 -2.00 9.69
CA ALA A 25 -8.20 -2.08 10.50
C ALA A 25 -7.97 -1.57 11.92
N ASP A 26 -6.81 -1.91 12.51
CA ASP A 26 -6.51 -1.49 13.87
C ASP A 26 -6.25 -0.01 14.02
N SER A 27 -6.15 0.72 12.91
CA SER A 27 -5.94 2.17 12.89
C SER A 27 -7.24 2.95 12.75
N PHE A 28 -8.39 2.29 12.78
CA PHE A 28 -9.63 2.99 12.49
C PHE A 28 -9.88 4.11 13.49
N ASP A 29 -9.43 3.96 14.73
CA ASP A 29 -9.71 5.05 15.68
C ASP A 29 -8.73 6.21 15.55
N LYS A 30 -7.89 6.22 14.49
CA LYS A 30 -6.98 7.32 14.24
C LYS A 30 -7.36 8.13 13.01
N ILE A 31 -8.50 7.83 12.36
CA ILE A 31 -8.80 8.46 11.08
C ILE A 31 -9.03 9.95 11.22
N THR A 32 -9.47 10.42 12.39
CA THR A 32 -9.65 11.87 12.54
C THR A 32 -8.34 12.64 12.49
N SER A 33 -7.19 11.98 12.62
CA SER A 33 -5.89 12.63 12.55
C SER A 33 -5.22 12.48 11.19
N ILE A 34 -5.81 11.71 10.27
CA ILE A 34 -5.18 11.40 8.99
C ILE A 34 -5.74 12.34 7.94
N GLU A 35 -4.86 12.99 7.18
CA GLU A 35 -5.27 14.00 6.22
C GLU A 35 -5.59 13.34 4.88
N PHE A 36 -6.80 12.77 4.80
CA PHE A 36 -7.22 12.12 3.56
C PHE A 36 -7.31 13.07 2.38
N CYS A 37 -7.36 14.39 2.63
CA CYS A 37 -7.31 15.36 1.54
C CYS A 37 -5.98 15.38 0.82
N LYS A 38 -4.98 14.63 1.32
CA LYS A 38 -3.67 14.56 0.71
C LYS A 38 -3.44 13.25 -0.01
N LEU A 39 -4.45 12.38 -0.06
CA LEU A 39 -4.37 11.10 -0.74
C LEU A 39 -5.22 11.13 -2.00
N THR A 40 -4.81 10.31 -2.97
CA THR A 40 -5.71 9.97 -4.08
C THR A 40 -6.37 8.61 -3.91
N HIS A 41 -5.70 7.68 -3.25
CA HIS A 41 -6.19 6.31 -3.08
C HIS A 41 -6.04 5.90 -1.63
N LEU A 42 -7.02 5.15 -1.13
CA LEU A 42 -6.98 4.59 0.21
C LEU A 42 -7.20 3.10 0.11
N ASN A 43 -6.29 2.31 0.68
CA ASN A 43 -6.42 0.85 0.73
C ASN A 43 -6.70 0.42 2.16
N ILE A 44 -7.87 -0.17 2.38
CA ILE A 44 -8.24 -0.68 3.69
C ILE A 44 -7.68 -2.09 3.86
N ALA A 45 -6.96 -2.31 4.95
CA ALA A 45 -6.10 -3.48 5.12
C ALA A 45 -6.46 -4.20 6.42
N PHE A 46 -6.80 -5.50 6.37
CA PHE A 46 -6.90 -6.37 5.20
C PHE A 46 -8.13 -7.25 5.36
N ALA A 47 -8.73 -7.69 4.26
CA ALA A 47 -9.75 -8.73 4.31
C ALA A 47 -9.13 -10.08 3.94
N ASN A 48 -9.67 -11.14 4.54
CA ASN A 48 -9.13 -12.48 4.31
C ASN A 48 -10.26 -13.48 4.27
N PRO A 49 -10.11 -14.57 3.52
CA PRO A 49 -11.18 -15.58 3.46
C PRO A 49 -11.23 -16.42 4.72
N ASP A 50 -12.43 -16.88 5.04
CA ASP A 50 -12.62 -17.85 6.10
C ASP A 50 -12.69 -19.25 5.48
N LYS A 51 -12.98 -20.24 6.33
CA LYS A 51 -13.02 -21.63 5.87
C LYS A 51 -14.10 -21.90 4.83
N ASN A 52 -15.02 -20.95 4.59
CA ASN A 52 -16.14 -21.17 3.69
C ASN A 52 -16.01 -20.43 2.36
N GLY A 53 -14.90 -19.77 2.12
CA GLY A 53 -14.75 -18.97 0.92
C GLY A 53 -15.32 -17.57 1.01
N ASN A 54 -15.66 -17.11 2.20
CA ASN A 54 -16.22 -15.78 2.37
C ASN A 54 -15.17 -14.82 2.91
N LEU A 55 -15.18 -13.60 2.37
CA LEU A 55 -14.21 -12.58 2.76
C LEU A 55 -14.60 -11.97 4.09
N VAL A 56 -13.72 -12.08 5.08
CA VAL A 56 -13.94 -11.56 6.42
C VAL A 56 -13.17 -10.25 6.57
N PHE A 57 -13.84 -9.20 7.03
CA PHE A 57 -13.14 -7.99 7.45
C PHE A 57 -13.60 -7.61 8.84
N ASP A 58 -12.65 -7.53 9.77
CA ASP A 58 -12.93 -7.19 11.16
C ASP A 58 -12.82 -5.68 11.30
N GLY A 59 -13.94 -4.99 11.23
CA GLY A 59 -13.94 -3.56 11.45
C GLY A 59 -15.06 -2.88 10.70
N ASP A 60 -15.41 -1.69 11.19
CA ASP A 60 -16.55 -0.94 10.65
C ASP A 60 -16.11 -0.15 9.42
N ILE A 61 -15.94 -0.89 8.33
CA ILE A 61 -15.42 -0.29 7.10
C ILE A 61 -16.40 0.74 6.56
N ASP A 62 -17.71 0.52 6.71
CA ASP A 62 -18.67 1.49 6.19
C ASP A 62 -18.56 2.83 6.92
N ALA A 63 -18.34 2.81 8.23
CA ALA A 63 -18.18 4.06 8.96
C ALA A 63 -16.94 4.80 8.49
N VAL A 64 -15.86 4.06 8.24
CA VAL A 64 -14.62 4.67 7.81
C VAL A 64 -14.78 5.30 6.44
N THR A 65 -15.33 4.56 5.47
CA THR A 65 -15.42 5.09 4.12
C THR A 65 -16.39 6.26 4.06
N LYS A 66 -17.48 6.23 4.84
CA LYS A 66 -18.35 7.40 4.95
C LYS A 66 -17.56 8.62 5.38
N TYR A 67 -16.78 8.50 6.45
CA TYR A 67 -16.00 9.64 6.92
C TYR A 67 -14.98 10.08 5.87
N VAL A 68 -14.25 9.12 5.30
CA VAL A 68 -13.17 9.48 4.39
C VAL A 68 -13.73 10.21 3.16
N ARG A 69 -14.84 9.71 2.60
N ARG A 69 -14.84 9.71 2.61
CA ARG A 69 -15.40 10.34 1.41
CA ARG A 69 -15.38 10.36 1.41
C ARG A 69 -15.90 11.75 1.72
C ARG A 69 -15.90 11.76 1.72
N SER A 70 -16.33 12.01 2.96
CA SER A 70 -16.69 13.36 3.36
C SER A 70 -15.47 14.28 3.46
N VAL A 71 -14.27 13.73 3.65
CA VAL A 71 -13.06 14.57 3.68
C VAL A 71 -12.51 14.79 2.28
N ASN A 72 -12.56 13.76 1.44
CA ASN A 72 -12.03 13.81 0.07
C ASN A 72 -13.01 13.02 -0.80
N SER A 73 -13.95 13.73 -1.44
CA SER A 73 -15.02 13.03 -2.16
C SER A 73 -14.53 12.35 -3.44
N ASN A 74 -13.29 12.61 -3.86
CA ASN A 74 -12.71 11.97 -5.03
C ASN A 74 -11.84 10.77 -4.69
N ILE A 75 -11.63 10.47 -3.41
CA ILE A 75 -10.70 9.41 -3.06
C ILE A 75 -11.20 8.08 -3.61
N VAL A 76 -10.26 7.26 -4.08
CA VAL A 76 -10.53 5.93 -4.62
C VAL A 76 -10.21 4.93 -3.52
N ILE A 77 -11.24 4.24 -3.00
CA ILE A 77 -11.09 3.37 -1.83
C ILE A 77 -11.14 1.91 -2.27
N SER A 78 -10.11 1.14 -1.92
CA SER A 78 -10.10 -0.29 -2.24
C SER A 78 -10.02 -1.10 -0.95
N ILE A 79 -10.49 -2.36 -1.02
CA ILE A 79 -10.17 -3.34 0.01
C ILE A 79 -8.90 -4.05 -0.41
N SER A 80 -7.95 -4.16 0.51
N SER A 80 -7.93 -4.13 0.51
CA SER A 80 -6.71 -4.90 0.29
CA SER A 80 -6.72 -4.91 0.32
C SER A 80 -6.84 -6.30 0.89
C SER A 80 -6.92 -6.31 0.86
N LEU A 81 -6.41 -7.30 0.13
CA LEU A 81 -6.58 -8.71 0.49
C LEU A 81 -5.27 -9.30 1.00
N ALA A 82 -5.40 -10.12 2.05
CA ALA A 82 -4.31 -10.93 2.60
C ALA A 82 -3.42 -10.09 3.51
N GLY A 83 -2.32 -9.56 2.99
CA GLY A 83 -1.41 -8.77 3.79
C GLY A 83 -0.19 -9.57 4.24
N GLY A 84 0.74 -8.85 4.89
CA GLY A 84 1.97 -9.48 5.29
C GLY A 84 1.80 -10.48 6.42
N VAL A 85 0.83 -10.24 7.30
CA VAL A 85 0.61 -11.07 8.49
C VAL A 85 -0.69 -11.84 8.28
N ILE A 86 -0.58 -13.10 7.87
CA ILE A 86 -1.74 -13.99 7.82
C ILE A 86 -1.41 -15.24 8.63
N SER A 87 -2.45 -15.84 9.20
CA SER A 87 -2.30 -17.05 9.98
C SER A 87 -2.07 -18.25 9.08
N THR A 88 -1.64 -19.36 9.69
CA THR A 88 -1.52 -20.59 8.91
C THR A 88 -2.87 -21.01 8.35
N GLU A 89 -3.95 -20.79 9.12
CA GLU A 89 -5.28 -21.14 8.63
C GLU A 89 -5.68 -20.27 7.45
N GLN A 90 -5.46 -18.95 7.55
CA GLN A 90 -5.79 -18.06 6.44
C GLN A 90 -4.99 -18.42 5.20
N ALA A 91 -3.70 -18.71 5.36
CA ALA A 91 -2.89 -19.06 4.20
C ALA A 91 -3.38 -20.37 3.57
N ALA A 92 -3.82 -21.32 4.40
CA ALA A 92 -4.33 -22.56 3.85
C ALA A 92 -5.66 -22.35 3.13
N ASN A 93 -6.50 -21.46 3.66
CA ASN A 93 -7.75 -21.13 2.98
C ASN A 93 -7.48 -20.47 1.64
N TRP A 94 -6.55 -19.50 1.60
CA TRP A 94 -6.13 -18.93 0.32
C TRP A 94 -5.74 -20.02 -0.68
N SER A 95 -4.88 -20.94 -0.25
CA SER A 95 -4.39 -21.94 -1.19
C SER A 95 -5.53 -22.82 -1.68
N LEU A 96 -6.42 -23.22 -0.77
CA LEU A 96 -7.55 -24.06 -1.14
C LEU A 96 -8.48 -23.35 -2.12
N LEU A 97 -8.63 -22.03 -1.99
CA LEU A 97 -9.60 -21.29 -2.79
C LEU A 97 -9.08 -20.93 -4.18
N ILE A 98 -7.79 -20.64 -4.32
CA ILE A 98 -7.29 -20.17 -5.61
C ILE A 98 -6.41 -21.19 -6.33
N ASP A 99 -5.85 -22.19 -5.63
CA ASP A 99 -4.96 -23.12 -6.30
C ASP A 99 -5.70 -24.20 -7.05
N LYS A 100 -6.95 -24.48 -6.66
CA LYS A 100 -7.83 -25.36 -7.41
C LYS A 100 -8.78 -24.50 -8.21
N PRO A 101 -8.66 -24.43 -9.54
CA PRO A 101 -9.50 -23.51 -10.31
C PRO A 101 -10.99 -23.69 -10.05
N GLU A 102 -11.44 -24.89 -9.67
CA GLU A 102 -12.86 -25.10 -9.43
C GLU A 102 -13.34 -24.52 -8.11
N ASN A 103 -12.42 -24.04 -7.26
CA ASN A 103 -12.82 -23.38 -6.02
C ASN A 103 -12.91 -21.87 -6.17
N ARG A 104 -12.37 -21.31 -7.24
CA ARG A 104 -12.27 -19.86 -7.42
C ARG A 104 -13.63 -19.22 -7.65
N PRO A 105 -14.51 -19.82 -8.47
CA PRO A 105 -15.78 -19.14 -8.80
C PRO A 105 -16.54 -18.54 -7.62
N ALA A 106 -16.84 -19.35 -6.60
CA ALA A 106 -17.62 -18.85 -5.47
C ALA A 106 -16.85 -17.78 -4.70
N PHE A 107 -15.53 -17.96 -4.55
CA PHE A 107 -14.73 -16.97 -3.84
C PHE A 107 -14.73 -15.64 -4.59
N MET A 108 -14.59 -15.70 -5.92
CA MET A 108 -14.55 -14.49 -6.73
C MET A 108 -15.86 -13.71 -6.64
N GLN A 109 -16.99 -14.41 -6.68
N GLN A 109 -16.99 -14.42 -6.69
CA GLN A 109 -18.26 -13.71 -6.54
CA GLN A 109 -18.27 -13.76 -6.51
C GLN A 109 -18.37 -13.07 -5.17
C GLN A 109 -18.35 -13.10 -5.15
N ASN A 110 -17.83 -13.73 -4.13
N ASN A 110 -17.85 -13.78 -4.11
CA ASN A 110 -17.88 -13.18 -2.79
CA ASN A 110 -17.84 -13.21 -2.76
C ASN A 110 -17.01 -11.92 -2.68
C ASN A 110 -17.03 -11.91 -2.71
N ILE A 111 -15.86 -11.91 -3.34
CA ILE A 111 -15.04 -10.69 -3.38
C ILE A 111 -15.80 -9.57 -4.07
N SER A 112 -16.40 -9.88 -5.22
CA SER A 112 -17.13 -8.86 -5.95
C SER A 112 -18.31 -8.35 -5.14
N LYS A 113 -19.01 -9.25 -4.43
CA LYS A 113 -20.15 -8.81 -3.62
C LYS A 113 -19.69 -7.97 -2.43
N PHE A 114 -18.51 -8.26 -1.87
CA PHE A 114 -17.96 -7.42 -0.81
C PHE A 114 -17.71 -6.02 -1.34
N VAL A 115 -17.14 -5.91 -2.53
CA VAL A 115 -16.87 -4.60 -3.12
C VAL A 115 -18.17 -3.83 -3.32
N THR A 116 -19.21 -4.50 -3.81
CA THR A 116 -20.49 -3.84 -4.05
C THR A 116 -21.17 -3.48 -2.74
N ASP A 117 -21.26 -4.45 -1.81
CA ASP A 117 -21.93 -4.20 -0.54
C ASP A 117 -21.33 -3.03 0.22
N HIS A 118 -20.01 -2.82 0.09
CA HIS A 118 -19.34 -1.75 0.82
C HIS A 118 -19.03 -0.54 -0.06
N ASN A 119 -19.57 -0.49 -1.28
N ASN A 119 -19.64 -0.45 -1.24
CA ASN A 119 -19.47 0.70 -2.12
CA ASN A 119 -19.45 0.66 -2.16
C ASN A 119 -18.01 1.07 -2.41
C ASN A 119 -17.97 1.06 -2.24
N LEU A 120 -17.16 0.07 -2.58
CA LEU A 120 -15.74 0.30 -2.80
C LEU A 120 -15.43 0.47 -4.28
N ASP A 121 -14.24 1.01 -4.55
CA ASP A 121 -13.82 1.38 -5.90
C ASP A 121 -12.85 0.39 -6.52
N GLY A 122 -12.42 -0.62 -5.78
CA GLY A 122 -11.44 -1.55 -6.31
C GLY A 122 -10.96 -2.51 -5.25
N VAL A 123 -10.06 -3.39 -5.68
CA VAL A 123 -9.44 -4.42 -4.87
C VAL A 123 -7.93 -4.29 -5.04
N ASP A 124 -7.20 -4.40 -3.94
CA ASP A 124 -5.74 -4.46 -3.95
C ASP A 124 -5.31 -5.84 -3.46
N VAL A 125 -4.49 -6.52 -4.24
CA VAL A 125 -4.02 -7.86 -3.89
C VAL A 125 -2.68 -7.73 -3.18
N ASP A 126 -2.66 -8.05 -1.89
CA ASP A 126 -1.45 -8.00 -1.07
C ASP A 126 -1.11 -9.41 -0.56
N LEU A 127 -1.24 -10.40 -1.43
CA LEU A 127 -0.66 -11.71 -1.15
C LEU A 127 0.85 -11.60 -1.27
N GLU A 128 1.57 -12.06 -0.24
CA GLU A 128 3.00 -11.86 -0.16
C GLU A 128 3.76 -13.17 -0.11
N TRP A 129 4.99 -13.15 -0.63
CA TRP A 129 5.94 -14.24 -0.53
C TRP A 129 5.29 -15.61 -0.65
N ASP A 130 5.24 -16.39 0.42
CA ASP A 130 4.79 -17.78 0.33
C ASP A 130 3.34 -17.90 -0.07
N ALA A 131 2.53 -16.87 0.15
CA ALA A 131 1.12 -16.93 -0.21
C ALA A 131 0.87 -16.70 -1.68
N VAL A 132 1.91 -16.36 -2.45
CA VAL A 132 1.78 -16.26 -3.90
C VAL A 132 1.94 -17.66 -4.48
N THR A 133 0.85 -18.41 -4.46
CA THR A 133 0.83 -19.83 -4.83
C THR A 133 0.50 -20.02 -6.30
N SER A 134 0.42 -21.29 -6.73
CA SER A 134 0.33 -21.59 -8.15
C SER A 134 -0.93 -20.99 -8.79
N GLY A 135 -2.00 -20.81 -8.02
CA GLY A 135 -3.21 -20.26 -8.58
C GLY A 135 -3.25 -18.75 -8.69
N TYR A 136 -2.19 -18.06 -8.28
CA TYR A 136 -2.23 -16.60 -8.17
C TYR A 136 -2.63 -15.96 -9.50
N SER A 137 -2.00 -16.39 -10.59
CA SER A 137 -2.18 -15.67 -11.85
C SER A 137 -3.57 -15.89 -12.43
N GLY A 138 -4.07 -17.14 -12.37
CA GLY A 138 -5.43 -17.39 -12.81
C GLY A 138 -6.45 -16.62 -11.99
N PHE A 139 -6.23 -16.56 -10.67
CA PHE A 139 -7.07 -15.75 -9.78
C PHE A 139 -7.06 -14.28 -10.22
N VAL A 140 -5.88 -13.73 -10.46
CA VAL A 140 -5.79 -12.33 -10.85
C VAL A 140 -6.51 -12.10 -12.16
N VAL A 141 -6.33 -12.99 -13.14
CA VAL A 141 -6.90 -12.78 -14.46
C VAL A 141 -8.43 -12.84 -14.41
N GLU A 142 -8.97 -13.79 -13.65
CA GLU A 142 -10.42 -13.91 -13.53
C GLU A 142 -11.01 -12.75 -12.73
N LEU A 143 -10.35 -12.38 -11.62
CA LEU A 143 -10.82 -11.23 -10.84
C LEU A 143 -10.74 -9.95 -11.65
N ARG A 144 -9.68 -9.81 -12.45
CA ARG A 144 -9.53 -8.65 -13.32
C ARG A 144 -10.75 -8.47 -14.22
N LYS A 145 -11.26 -9.56 -14.79
CA LYS A 145 -12.41 -9.41 -15.68
C LYS A 145 -13.64 -8.97 -14.89
N GLU A 146 -13.91 -9.61 -13.74
CA GLU A 146 -15.03 -9.19 -12.91
C GLU A 146 -14.95 -7.69 -12.62
N LEU A 147 -13.76 -7.19 -12.31
CA LEU A 147 -13.66 -5.81 -11.87
C LEU A 147 -13.66 -4.83 -13.03
N THR A 148 -12.99 -5.18 -14.13
CA THR A 148 -13.05 -4.36 -15.33
C THR A 148 -14.49 -4.17 -15.78
N ASP A 149 -15.26 -5.26 -15.80
CA ASP A 149 -16.64 -5.19 -16.28
C ASP A 149 -17.53 -4.37 -15.35
N ARG A 150 -17.13 -4.20 -14.08
CA ARG A 150 -17.85 -3.35 -13.15
C ARG A 150 -17.19 -1.99 -12.97
N LYS A 151 -16.21 -1.67 -13.81
N LYS A 151 -16.19 -1.68 -13.80
CA LYS A 151 -15.51 -0.37 -13.77
CA LYS A 151 -15.53 -0.37 -13.76
C LYS A 151 -14.87 -0.14 -12.40
C LYS A 151 -14.85 -0.13 -12.42
N LYS A 152 -14.16 -1.15 -11.91
CA LYS A 152 -13.45 -1.08 -10.64
C LYS A 152 -11.96 -1.31 -10.88
N LEU A 153 -11.15 -0.90 -9.91
N LEU A 153 -11.14 -0.90 -9.92
CA LEU A 153 -9.70 -1.03 -9.99
CA LEU A 153 -9.70 -1.03 -10.03
C LEU A 153 -9.23 -2.39 -9.48
C LEU A 153 -9.20 -2.35 -9.45
N LEU A 154 -8.08 -2.83 -10.00
CA LEU A 154 -7.39 -3.99 -9.46
C LEU A 154 -5.91 -3.65 -9.40
N THR A 155 -5.36 -3.64 -8.19
CA THR A 155 -3.95 -3.31 -7.98
C THR A 155 -3.30 -4.44 -7.18
N ALA A 156 -1.99 -4.33 -6.98
CA ALA A 156 -1.27 -5.31 -6.18
C ALA A 156 -0.10 -4.63 -5.49
N ALA A 157 0.24 -5.12 -4.30
CA ALA A 157 1.48 -4.77 -3.64
C ALA A 157 2.47 -5.89 -3.90
N LEU A 158 3.67 -5.53 -4.35
CA LEU A 158 4.67 -6.48 -4.80
C LEU A 158 6.00 -6.21 -4.13
N PRO A 159 6.84 -7.23 -3.99
CA PRO A 159 8.13 -7.07 -3.32
C PRO A 159 9.07 -6.20 -4.12
N ASN A 160 10.08 -5.65 -3.42
CA ASN A 160 10.89 -4.60 -4.03
C ASN A 160 11.55 -5.05 -5.32
N ASN A 161 12.18 -6.23 -5.31
CA ASN A 161 13.09 -6.57 -6.40
C ASN A 161 13.14 -8.08 -6.60
N THR A 162 11.99 -8.75 -6.45
CA THR A 162 11.85 -10.17 -6.71
C THR A 162 10.63 -10.39 -7.59
N ARG A 163 10.80 -11.18 -8.66
CA ARG A 163 9.68 -11.59 -9.52
C ARG A 163 9.33 -13.03 -9.18
N PHE A 164 8.16 -13.22 -8.55
CA PHE A 164 7.71 -14.56 -8.23
C PHE A 164 7.38 -15.34 -9.50
N VAL A 165 7.80 -16.61 -9.53
CA VAL A 165 7.50 -17.45 -10.68
C VAL A 165 6.00 -17.59 -10.89
N ASN A 166 5.21 -17.49 -9.82
CA ASN A 166 3.77 -17.69 -9.92
C ASN A 166 3.02 -16.42 -10.33
N ILE A 167 3.71 -15.35 -10.69
CA ILE A 167 3.08 -14.16 -11.27
C ILE A 167 3.48 -14.10 -12.73
N ASN A 168 2.60 -14.54 -13.62
CA ASN A 168 2.94 -14.51 -15.03
C ASN A 168 2.67 -13.12 -15.60
N SER A 169 3.03 -12.96 -16.88
CA SER A 169 3.00 -11.63 -17.50
C SER A 169 1.58 -11.11 -17.65
N GLU A 170 0.62 -11.98 -17.99
CA GLU A 170 -0.77 -11.52 -18.13
C GLU A 170 -1.27 -10.98 -16.80
N ALA A 171 -1.01 -11.70 -15.70
CA ALA A 171 -1.42 -11.22 -14.39
C ALA A 171 -0.74 -9.89 -14.05
N LEU A 172 0.58 -9.82 -14.26
CA LEU A 172 1.31 -8.62 -13.88
C LEU A 172 0.78 -7.41 -14.66
N ASN A 173 0.49 -7.58 -15.95
CA ASN A 173 -0.01 -6.50 -16.77
C ASN A 173 -1.49 -6.21 -16.55
N ALA A 174 -2.21 -7.10 -15.87
CA ALA A 174 -3.63 -6.86 -15.61
C ALA A 174 -3.83 -5.72 -14.63
N PHE A 175 -2.88 -5.51 -13.73
CA PHE A 175 -3.08 -4.53 -12.67
C PHE A 175 -3.16 -3.12 -13.25
N ASP A 176 -4.07 -2.31 -12.71
CA ASP A 176 -4.11 -0.90 -13.09
C ASP A 176 -2.81 -0.21 -12.70
N PHE A 177 -2.26 -0.58 -11.55
CA PHE A 177 -0.92 -0.17 -11.15
C PHE A 177 -0.50 -1.08 -10.02
N ILE A 178 0.82 -1.05 -9.72
CA ILE A 178 1.37 -1.87 -8.65
C ILE A 178 2.01 -0.96 -7.62
N ASN A 179 1.99 -1.44 -6.39
CA ASN A 179 2.58 -0.76 -5.25
C ASN A 179 3.85 -1.50 -4.85
N ILE A 180 5.01 -0.89 -5.12
CA ILE A 180 6.30 -1.49 -4.83
C ILE A 180 6.62 -1.33 -3.35
N MET A 181 6.83 -2.45 -2.67
CA MET A 181 7.11 -2.46 -1.24
C MET A 181 8.61 -2.26 -1.04
N ALA A 182 9.03 -1.02 -1.26
CA ALA A 182 10.44 -0.63 -1.26
C ALA A 182 10.91 -0.35 0.18
N TYR A 183 10.78 -1.36 1.01
CA TYR A 183 11.13 -1.29 2.42
C TYR A 183 11.30 -2.73 2.88
N ASP A 184 11.65 -2.89 4.17
CA ASP A 184 11.89 -4.21 4.76
C ASP A 184 13.06 -4.94 4.10
N SER A 185 14.06 -4.19 3.64
CA SER A 185 15.27 -4.82 3.13
C SER A 185 15.99 -5.60 4.23
N THR A 186 15.80 -5.20 5.47
CA THR A 186 16.13 -6.00 6.63
C THR A 186 15.02 -5.83 7.65
N GLY A 187 14.98 -6.72 8.63
CA GLY A 187 13.92 -6.70 9.62
C GLY A 187 14.18 -7.71 10.72
N PRO A 188 13.17 -7.96 11.55
CA PRO A 188 13.37 -8.93 12.65
C PRO A 188 13.73 -10.33 12.19
N TRP A 189 13.42 -10.69 10.95
CA TRP A 189 13.79 -12.00 10.42
C TRP A 189 15.27 -12.08 10.06
N SER A 190 15.99 -10.95 10.01
CA SER A 190 17.43 -10.93 9.72
C SER A 190 18.10 -10.05 10.77
N PRO A 191 18.06 -10.47 12.04
CA PRO A 191 18.41 -9.56 13.14
C PRO A 191 19.88 -9.19 13.21
N ASN A 192 20.75 -9.77 12.38
CA ASN A 192 22.16 -9.43 12.37
C ASN A 192 22.55 -8.58 11.16
N LYS A 193 21.61 -8.31 10.26
CA LYS A 193 21.81 -7.33 9.19
C LYS A 193 21.29 -5.99 9.72
N ILE A 194 22.13 -5.34 10.53
CA ILE A 194 21.77 -4.12 11.24
C ILE A 194 22.05 -2.95 10.31
N GLU A 195 21.02 -2.46 9.63
CA GLU A 195 21.19 -1.39 8.65
C GLU A 195 19.82 -0.86 8.26
N GLN A 196 19.84 0.15 7.40
CA GLN A 196 18.62 0.80 6.92
C GLN A 196 17.77 -0.21 6.17
N HIS A 197 16.46 -0.23 6.48
CA HIS A 197 15.55 -1.15 5.82
C HIS A 197 14.89 -0.55 4.59
N SER A 198 15.02 0.77 4.39
CA SER A 198 14.37 1.38 3.25
C SER A 198 15.24 2.56 2.78
N SER A 199 16.41 2.25 2.24
CA SER A 199 17.29 3.30 1.77
C SER A 199 16.76 3.88 0.46
N PHE A 200 17.28 5.07 0.11
CA PHE A 200 16.93 5.62 -1.20
C PHE A 200 17.38 4.69 -2.32
N GLU A 201 18.58 4.13 -2.19
CA GLU A 201 19.11 3.23 -3.23
C GLU A 201 18.24 1.99 -3.38
N PHE A 202 17.71 1.48 -2.26
CA PHE A 202 16.81 0.33 -2.33
C PHE A 202 15.54 0.68 -3.11
N ALA A 203 15.02 1.89 -2.89
CA ALA A 203 13.85 2.34 -3.63
C ALA A 203 14.14 2.44 -5.11
N LYS A 204 15.29 3.03 -5.47
CA LYS A 204 15.65 3.14 -6.88
C LYS A 204 15.81 1.76 -7.51
N GLU A 205 16.39 0.82 -6.76
CA GLU A 205 16.54 -0.56 -7.25
C GLU A 205 15.19 -1.20 -7.54
N GLY A 206 14.20 -0.94 -6.67
CA GLY A 206 12.89 -1.52 -6.87
C GLY A 206 12.18 -0.97 -8.09
N VAL A 207 12.25 0.35 -8.28
CA VAL A 207 11.63 0.94 -9.48
C VAL A 207 12.31 0.39 -10.73
N GLU A 208 13.64 0.36 -10.75
CA GLU A 208 14.34 -0.17 -11.92
C GLU A 208 13.99 -1.63 -12.16
N PHE A 209 13.87 -2.40 -11.07
CA PHE A 209 13.54 -3.82 -11.22
C PHE A 209 12.19 -4.01 -11.91
N TRP A 210 11.14 -3.32 -11.45
CA TRP A 210 9.84 -3.55 -12.06
C TRP A 210 9.75 -2.99 -13.47
N LYS A 211 10.57 -1.99 -13.81
CA LYS A 211 10.64 -1.58 -15.21
C LYS A 211 11.26 -2.67 -16.07
N LYS A 212 12.27 -3.36 -15.54
CA LYS A 212 12.84 -4.52 -16.23
C LYS A 212 11.85 -5.67 -16.35
N GLN A 213 10.77 -5.67 -15.58
CA GLN A 213 9.67 -6.62 -15.76
C GLN A 213 8.63 -6.12 -16.76
N ASN A 214 8.95 -5.05 -17.51
CA ASN A 214 8.07 -4.52 -18.55
C ASN A 214 6.81 -3.87 -17.98
N VAL A 215 6.88 -3.34 -16.76
CA VAL A 215 5.81 -2.53 -16.21
C VAL A 215 6.13 -1.07 -16.54
N PRO A 216 5.24 -0.34 -17.22
CA PRO A 216 5.53 1.05 -17.56
C PRO A 216 5.59 1.94 -16.33
N SER A 217 6.33 3.05 -16.45
CA SER A 217 6.55 3.95 -15.33
C SER A 217 5.25 4.36 -14.67
N GLU A 218 4.26 4.73 -15.47
CA GLU A 218 3.01 5.25 -14.95
C GLU A 218 2.30 4.24 -14.05
N LYS A 219 2.53 2.96 -14.27
CA LYS A 219 1.88 1.90 -13.51
C LYS A 219 2.66 1.52 -12.26
N LEU A 220 3.77 2.19 -11.97
CA LEU A 220 4.55 1.94 -10.77
C LEU A 220 4.16 2.94 -9.68
N THR A 221 4.06 2.46 -8.45
CA THR A 221 3.88 3.34 -7.29
C THR A 221 4.95 2.98 -6.27
N LEU A 222 5.73 3.98 -5.86
CA LEU A 222 6.89 3.77 -4.98
C LEU A 222 6.46 3.78 -3.52
N GLY A 223 6.47 2.62 -2.90
CA GLY A 223 6.11 2.55 -1.48
C GLY A 223 7.18 3.15 -0.60
N VAL A 224 6.73 3.82 0.45
CA VAL A 224 7.65 4.37 1.46
C VAL A 224 7.12 4.00 2.84
N PRO A 225 8.01 3.83 3.81
CA PRO A 225 7.60 3.38 5.15
C PRO A 225 7.47 4.53 6.13
N PHE A 226 6.40 4.51 6.94
CA PHE A 226 6.23 5.42 8.06
C PHE A 226 6.71 4.77 9.37
N TYR A 227 7.62 3.80 9.29
CA TYR A 227 8.11 3.09 10.46
C TYR A 227 9.56 2.69 10.23
N GLY A 228 10.20 2.24 11.31
CA GLY A 228 11.53 1.68 11.20
C GLY A 228 11.72 0.52 12.13
N TYR A 229 12.96 0.03 12.25
CA TYR A 229 13.27 -1.10 13.11
C TYR A 229 14.36 -0.70 14.09
N ASN A 230 14.26 -1.27 15.29
CA ASN A 230 15.20 -1.02 16.39
C ASN A 230 15.98 -2.30 16.63
N PHE A 231 17.26 -2.29 16.23
CA PHE A 231 18.12 -3.46 16.32
C PHE A 231 18.93 -3.49 17.60
N THR A 232 18.50 -2.79 18.64
CA THR A 232 19.31 -2.71 19.85
C THR A 232 19.53 -4.09 20.45
N TYR A 233 18.49 -4.92 20.49
CA TYR A 233 18.55 -6.25 21.07
C TYR A 233 18.36 -7.31 20.00
N PRO A 234 18.74 -8.56 20.28
CA PRO A 234 18.56 -9.61 19.26
C PRO A 234 17.13 -9.73 18.79
N GLU A 235 16.16 -9.50 19.69
CA GLU A 235 14.76 -9.35 19.32
C GLU A 235 14.55 -7.97 18.72
N VAL A 236 14.40 -7.90 17.40
CA VAL A 236 14.22 -6.61 16.71
C VAL A 236 12.79 -6.15 16.87
N THR A 237 12.60 -4.87 17.17
CA THR A 237 11.28 -4.28 17.32
C THR A 237 11.07 -3.18 16.29
N SER A 238 9.81 -2.79 16.12
CA SER A 238 9.46 -1.73 15.17
C SER A 238 9.08 -0.48 15.95
N SER A 239 9.38 0.68 15.35
CA SER A 239 9.01 1.97 15.92
C SER A 239 8.36 2.79 14.82
N THR A 240 7.24 3.43 15.13
CA THR A 240 6.60 4.28 14.14
C THR A 240 7.31 5.63 14.09
N PHE A 241 7.16 6.31 12.95
CA PHE A 241 7.68 7.67 12.90
C PHE A 241 7.01 8.56 13.94
N GLY A 242 5.72 8.36 14.17
CA GLY A 242 5.04 9.12 15.21
C GLY A 242 5.69 8.94 16.56
N GLU A 243 6.09 7.71 16.88
CA GLU A 243 6.77 7.45 18.15
C GLU A 243 8.16 8.08 18.18
N ILE A 244 8.86 8.08 17.04
CA ILE A 244 10.18 8.69 17.01
C ILE A 244 10.08 10.18 17.28
N ILE A 245 9.08 10.85 16.71
CA ILE A 245 8.92 12.28 16.95
C ILE A 245 8.55 12.54 18.41
N GLN A 246 7.75 11.65 18.99
CA GLN A 246 7.46 11.75 20.42
C GLN A 246 8.72 11.66 21.26
N ALA A 247 9.70 10.85 20.84
CA ALA A 247 10.99 10.81 21.51
C ALA A 247 11.75 12.12 21.35
N GLY A 248 11.57 12.82 20.24
CA GLY A 248 12.17 14.12 20.06
C GLY A 248 12.00 14.67 18.66
N THR A 249 11.61 15.94 18.54
CA THR A 249 11.43 16.54 17.21
C THR A 249 12.76 16.68 16.47
N GLN A 250 13.88 16.67 17.19
CA GLN A 250 15.18 16.75 16.54
C GLN A 250 15.51 15.50 15.73
N PHE A 251 14.67 14.47 15.78
CA PHE A 251 14.88 13.24 15.03
C PHE A 251 14.09 13.21 13.72
N ALA A 252 13.29 14.24 13.46
CA ALA A 252 12.41 14.23 12.29
C ALA A 252 13.18 14.27 10.98
N ASP A 253 14.41 14.79 10.98
CA ASP A 253 15.12 15.08 9.74
C ASP A 253 16.38 14.24 9.61
N GLN A 254 16.31 13.01 10.09
CA GLN A 254 17.36 12.03 9.90
C GLN A 254 16.73 10.65 9.78
N ASP A 255 17.56 9.66 9.42
CA ASP A 255 17.06 8.30 9.19
C ASP A 255 17.50 7.30 10.23
N GLU A 256 18.33 7.70 11.20
CA GLU A 256 18.91 6.72 12.11
C GLU A 256 19.10 7.35 13.48
N ILE A 257 18.86 6.55 14.52
CA ILE A 257 19.21 6.89 15.91
C ILE A 257 19.90 5.66 16.47
N GLY A 258 21.23 5.65 16.45
CA GLY A 258 21.94 4.47 16.92
C GLY A 258 21.53 3.28 16.07
N LYS A 259 20.88 2.29 16.67
CA LYS A 259 20.51 1.08 15.95
C LYS A 259 19.05 1.10 15.50
N ILE A 260 18.41 2.27 15.53
CA ILE A 260 17.06 2.44 14.99
C ILE A 260 17.18 3.07 13.61
N TYR A 261 16.54 2.46 12.62
CA TYR A 261 16.60 2.89 11.21
C TYR A 261 15.20 3.05 10.66
N TYR A 262 14.90 4.23 10.10
CA TYR A 262 13.59 4.60 9.58
C TYR A 262 13.80 5.54 8.40
N ASN A 263 12.74 6.23 7.98
CA ASN A 263 12.83 7.30 6.99
C ASN A 263 12.37 8.60 7.63
N GLY A 264 13.27 9.59 7.71
CA GLY A 264 12.90 10.93 8.10
C GLY A 264 12.46 11.77 6.92
N ARG A 265 12.21 13.05 7.18
CA ARG A 265 11.64 13.91 6.15
C ARG A 265 12.55 14.10 4.94
N PRO A 266 13.84 14.40 5.09
CA PRO A 266 14.68 14.57 3.89
C PRO A 266 14.69 13.36 2.99
N THR A 267 14.68 12.15 3.57
CA THR A 267 14.70 10.96 2.70
C THR A 267 13.34 10.73 2.04
N ILE A 268 12.24 10.98 2.74
CA ILE A 268 10.94 10.90 2.06
C ILE A 268 10.90 11.89 0.91
N LEU A 269 11.39 13.11 1.14
CA LEU A 269 11.40 14.14 0.12
C LEU A 269 12.17 13.67 -1.11
N LYS A 270 13.36 13.10 -0.91
CA LYS A 270 14.14 12.55 -2.02
C LYS A 270 13.35 11.52 -2.80
N LYS A 271 12.66 10.62 -2.08
CA LYS A 271 11.92 9.58 -2.78
C LYS A 271 10.75 10.16 -3.57
N VAL A 272 10.16 11.25 -3.08
CA VAL A 272 9.10 11.90 -3.85
C VAL A 272 9.67 12.53 -5.12
N GLU A 273 10.81 13.23 -4.99
CA GLU A 273 11.42 13.82 -6.17
C GLU A 273 11.75 12.74 -7.18
N TYR A 274 12.28 11.62 -6.72
CA TYR A 274 12.60 10.53 -7.63
C TYR A 274 11.33 9.96 -8.24
N ALA A 275 10.31 9.70 -7.42
CA ALA A 275 9.06 9.18 -7.97
C ALA A 275 8.46 10.10 -9.02
N SER A 276 8.57 11.42 -8.81
CA SER A 276 7.93 12.35 -9.75
C SER A 276 8.47 12.17 -11.15
N GLN A 277 9.73 11.76 -11.29
CA GLN A 277 10.35 11.60 -12.60
C GLN A 277 10.32 10.17 -13.12
N ASN A 278 10.03 9.18 -12.27
CA ASN A 278 10.26 7.80 -12.66
C ASN A 278 9.11 6.84 -12.39
N THR A 279 8.06 7.26 -11.67
CA THR A 279 6.91 6.40 -11.40
C THR A 279 5.64 7.21 -11.59
N GLY A 280 4.50 6.55 -11.34
CA GLY A 280 3.21 7.20 -11.32
C GLY A 280 2.76 7.65 -9.94
N GLY A 281 3.59 7.53 -8.91
CA GLY A 281 3.19 8.05 -7.61
C GLY A 281 3.91 7.37 -6.46
N ILE A 282 3.40 7.67 -5.26
CA ILE A 282 3.96 7.25 -3.97
C ILE A 282 2.90 6.43 -3.23
N MET A 283 3.33 5.36 -2.57
CA MET A 283 2.47 4.54 -1.72
C MET A 283 3.00 4.60 -0.29
N ILE A 284 2.11 4.46 0.70
CA ILE A 284 2.44 4.69 2.11
C ILE A 284 2.04 3.47 2.92
N TRP A 285 3.00 2.88 3.62
CA TRP A 285 2.72 1.92 4.68
C TRP A 285 3.33 2.46 5.96
N GLU A 286 2.51 2.84 6.95
CA GLU A 286 1.05 2.82 6.98
C GLU A 286 0.60 4.17 7.57
N LEU A 287 -0.60 4.63 7.18
CA LEU A 287 -0.98 6.03 7.37
C LEU A 287 -0.97 6.43 8.84
N ALA A 288 -1.39 5.53 9.73
CA ALA A 288 -1.58 5.88 11.12
C ALA A 288 -0.31 5.76 11.93
N GLN A 289 0.81 5.40 11.29
CA GLN A 289 2.15 5.42 11.90
C GLN A 289 2.79 6.80 11.84
N ASP A 290 2.15 7.75 11.18
CA ASP A 290 2.73 9.06 10.93
C ASP A 290 2.85 9.86 12.24
N SER A 291 3.63 10.94 12.19
CA SER A 291 3.58 11.99 13.21
C SER A 291 2.56 13.03 12.77
N PHE A 292 1.41 13.05 13.43
CA PHE A 292 0.34 13.90 12.95
C PHE A 292 0.68 15.36 13.22
N GLY A 293 0.38 16.22 12.25
CA GLY A 293 0.72 17.62 12.40
C GLY A 293 1.98 18.05 11.66
N GLU A 294 2.77 18.92 12.30
CA GLU A 294 3.82 19.66 11.60
C GLU A 294 4.86 18.75 10.98
N TYR A 295 5.19 17.65 11.64
CA TYR A 295 6.28 16.78 11.18
C TYR A 295 5.79 15.63 10.29
N SER A 296 4.54 15.66 9.86
CA SER A 296 3.96 14.55 9.11
C SER A 296 4.73 14.25 7.83
N LEU A 297 4.96 12.96 7.60
CA LEU A 297 5.58 12.53 6.36
C LEU A 297 4.59 12.60 5.20
N LEU A 298 3.29 12.39 5.46
CA LEU A 298 2.31 12.60 4.41
C LEU A 298 2.32 14.06 3.99
N GLU A 299 2.52 14.97 4.94
CA GLU A 299 2.67 16.37 4.59
C GLU A 299 3.90 16.59 3.70
N VAL A 300 5.01 15.92 4.01
CA VAL A 300 6.21 16.05 3.18
C VAL A 300 5.88 15.68 1.74
N ILE A 301 5.18 14.56 1.57
CA ILE A 301 4.82 14.08 0.23
C ILE A 301 3.93 15.08 -0.47
N HIS A 302 2.88 15.53 0.24
CA HIS A 302 1.93 16.50 -0.30
C HIS A 302 2.62 17.79 -0.70
N LYS A 303 3.43 18.34 0.20
CA LYS A 303 4.10 19.60 -0.08
C LYS A 303 5.06 19.46 -1.26
N LYS A 304 5.78 18.34 -1.33
CA LYS A 304 6.79 18.20 -2.37
C LYS A 304 6.14 18.04 -3.74
N TYR A 305 5.11 17.19 -3.85
CA TYR A 305 4.42 17.08 -5.13
C TYR A 305 3.83 18.44 -5.54
N THR A 306 3.30 19.18 -4.57
CA THR A 306 2.77 20.51 -4.90
C THR A 306 3.89 21.45 -5.36
N ASP A 307 5.03 21.43 -4.69
CA ASP A 307 6.15 22.27 -5.08
C ASP A 307 6.65 21.92 -6.49
N LEU A 308 6.62 20.63 -6.83
CA LEU A 308 6.95 20.15 -8.17
C LEU A 308 5.87 20.43 -9.19
N LYS A 309 4.74 21.00 -8.78
CA LYS A 309 3.63 21.32 -9.67
C LYS A 309 2.97 20.06 -10.22
N TYR A 310 2.83 19.04 -9.37
CA TYR A 310 2.09 17.83 -9.70
C TYR A 310 0.74 17.85 -9.02
N LYS A 311 -0.31 17.47 -9.76
CA LYS A 311 -1.60 17.29 -9.15
C LYS A 311 -1.68 15.91 -8.51
N THR A 312 -2.12 15.87 -7.25
CA THR A 312 -2.43 14.62 -6.58
C THR A 312 -3.92 14.64 -6.29
N SER A 313 -4.30 15.05 -5.08
CA SER A 313 -5.71 15.19 -4.75
C SER A 313 -6.34 16.47 -5.28
N GLY A 314 -5.53 17.47 -5.60
CA GLY A 314 -6.07 18.78 -5.91
C GLY A 314 -6.70 19.48 -4.72
N MET A 315 -6.50 18.99 -3.51
CA MET A 315 -7.10 19.56 -2.31
C MET A 315 -6.02 20.10 -1.37
N CYS A 316 -6.45 20.84 -0.36
N CYS A 316 -6.51 20.76 -0.33
CA CYS A 316 -5.55 21.22 0.72
CA CYS A 316 -5.72 21.39 0.73
C CYS A 316 -4.27 21.86 0.20
C CYS A 316 -4.36 21.85 0.22
N GLY A 317 -4.39 22.75 -0.76
CA GLY A 317 -3.23 23.47 -1.26
C GLY A 317 -2.60 22.91 -2.53
N ASN A 318 -3.03 21.76 -3.00
CA ASN A 318 -2.40 21.10 -4.12
C ASN A 318 -3.05 21.46 -5.46
N ALA A 319 -2.21 21.54 -6.51
CA ALA A 319 -2.66 21.67 -7.90
C ALA A 319 -3.38 22.99 -8.17
N HIS A 320 -2.90 24.08 -7.56
CA HIS A 320 -3.57 25.37 -7.77
C HIS A 320 -3.49 25.81 -9.23
N HIS A 321 -2.33 25.67 -9.85
CA HIS A 321 -2.18 26.01 -11.27
C HIS A 321 -1.90 24.78 -12.12
N HIS A 322 -2.73 23.75 -12.03
CA HIS A 322 -2.53 22.55 -12.84
C HIS A 322 -3.38 22.60 -14.12
#